data_3PLZ
#
_entry.id   3PLZ
#
_cell.length_a   52.667
_cell.length_b   89.054
_cell.length_c   65.453
_cell.angle_alpha   90.00
_cell.angle_beta   101.71
_cell.angle_gamma   90.00
#
_symmetry.space_group_name_H-M   'P 1 21 1'
#
loop_
_entity.id
_entity.type
_entity.pdbx_description
1 polymer 'FTZ-F1 related protein'
2 polymer 'Nuclear receptor coactivator 2'
3 non-polymer (3aS,6aR)-5-[(4E)-oct-4-en-4-yl]-N,4-diphenyl-2,3,6,6a-tetrahydropentalen-3a(1H)-amine
4 non-polymer 1,2-ETHANEDIOL
5 water water
#
loop_
_entity_poly.entity_id
_entity_poly.type
_entity_poly.pdbx_seq_one_letter_code
_entity_poly.pdbx_strand_id
1 'polypeptide(L)'
;MKKGHHHHHHLVPRGSIPHLILELLKCEPDEPQVQAKIMAYLQQEQANRSKHEKLSTFGLMCKMADQTLFSIVEWARSSI
FFRELKVDDQMKLLQNCWSELLILDHIYRQVVHGKEGSIFLVTGQQVDYSIIASQAGATLNNLMSHAQELVAKLRSLQFD
QREFVCLKFLVLFSLDVKNLENFQLVEGVQEQVNAALLDYTMCNYPQQTEKFGQLLLRLPEIRAISMQAEEYLYYKHLNG
DVPYNNLLIEMLHAKRA
;
A,B
2 'polypeptide(L)' KENALLRYLLDKDD C,D
#
# COMPACT_ATOMS: atom_id res chain seq x y z
N SER A 16 36.48 -11.38 13.55
CA SER A 16 35.96 -12.69 13.07
C SER A 16 34.48 -12.61 12.72
N ILE A 17 34.06 -13.53 11.86
CA ILE A 17 32.68 -13.59 11.39
C ILE A 17 32.07 -14.86 11.96
N PRO A 18 30.92 -14.74 12.66
CA PRO A 18 30.25 -15.94 13.17
C PRO A 18 30.00 -16.97 12.07
N HIS A 19 30.11 -18.26 12.45
CA HIS A 19 29.91 -19.37 11.52
C HIS A 19 28.62 -19.24 10.73
N LEU A 20 27.54 -18.86 11.41
CA LEU A 20 26.24 -18.74 10.75
C LEU A 20 26.31 -17.72 9.61
N ILE A 21 26.94 -16.58 9.85
CA ILE A 21 27.04 -15.53 8.83
C ILE A 21 27.92 -16.00 7.65
N LEU A 22 28.98 -16.74 7.95
CA LEU A 22 29.79 -17.36 6.89
C LEU A 22 28.93 -18.25 5.99
N GLU A 23 28.01 -19.00 6.60
CA GLU A 23 27.10 -19.85 5.82
C GLU A 23 26.14 -19.03 4.96
N LEU A 24 25.68 -17.90 5.50
CA LEU A 24 24.81 -17.01 4.71
C LEU A 24 25.55 -16.47 3.49
N LEU A 25 26.79 -16.03 3.70
CA LEU A 25 27.62 -15.47 2.62
C LEU A 25 27.86 -16.44 1.47
N LYS A 26 27.99 -17.73 1.78
CA LYS A 26 28.15 -18.77 0.76
C LYS A 26 26.97 -18.82 -0.22
N CYS A 27 25.79 -18.38 0.23
CA CYS A 27 24.59 -18.44 -0.60
C CYS A 27 24.38 -17.22 -1.49
N GLU A 28 25.25 -16.23 -1.37
CA GLU A 28 25.14 -15.02 -2.19
C GLU A 28 25.39 -15.32 -3.66
N PRO A 29 24.68 -14.59 -4.55
CA PRO A 29 24.87 -14.83 -5.97
C PRO A 29 26.20 -14.28 -6.49
N ASP A 30 26.65 -14.81 -7.62
CA ASP A 30 27.81 -14.25 -8.32
C ASP A 30 27.35 -12.97 -9.00
N GLU A 31 27.76 -11.84 -8.45
CA GLU A 31 27.25 -10.53 -8.87
C GLU A 31 27.54 -10.22 -10.35
N PRO A 32 28.75 -10.53 -10.83
CA PRO A 32 29.05 -10.28 -12.25
C PRO A 32 28.19 -11.10 -13.20
N GLN A 33 27.91 -12.35 -12.85
CA GLN A 33 27.08 -13.22 -13.66
C GLN A 33 25.64 -12.69 -13.78
N VAL A 34 25.09 -12.26 -12.65
CA VAL A 34 23.74 -11.69 -12.63
C VAL A 34 23.69 -10.38 -13.40
N GLN A 35 24.71 -9.55 -13.18
CA GLN A 35 24.83 -8.27 -13.87
C GLN A 35 24.83 -8.43 -15.40
N ALA A 36 25.66 -9.35 -15.90
CA ALA A 36 25.77 -9.61 -17.33
C ALA A 36 24.51 -10.24 -17.93
N LYS A 37 23.82 -11.05 -17.13
CA LYS A 37 22.58 -11.71 -17.54
C LYS A 37 21.47 -10.69 -17.80
N ILE A 38 21.26 -9.78 -16.85
CA ILE A 38 20.21 -8.78 -16.95
C ILE A 38 20.52 -7.77 -18.07
N MET A 39 21.77 -7.33 -18.15
CA MET A 39 22.20 -6.42 -19.22
C MET A 39 21.97 -7.03 -20.60
N ALA A 40 22.28 -8.32 -20.74
CA ALA A 40 22.11 -9.04 -22.01
C ALA A 40 20.65 -9.24 -22.38
N TYR A 41 19.80 -9.45 -21.36
CA TYR A 41 18.36 -9.59 -21.58
C TYR A 41 17.74 -8.28 -22.06
N LEU A 42 18.06 -7.19 -21.39
CA LEU A 42 17.52 -5.87 -21.74
C LEU A 42 18.09 -5.39 -23.07
N GLN A 43 19.33 -5.78 -23.38
CA GLN A 43 19.94 -5.49 -24.69
C GLN A 43 19.17 -6.23 -25.79
N GLN A 44 18.86 -7.50 -25.55
CA GLN A 44 18.07 -8.31 -26.50
C GLN A 44 16.65 -7.76 -26.67
N GLU A 45 16.10 -7.16 -25.61
CA GLU A 45 14.79 -6.52 -25.67
C GLU A 45 14.86 -5.21 -26.47
N LYS A 54 11.11 1.12 -27.17
CA LYS A 54 10.03 2.01 -26.77
C LYS A 54 9.78 1.90 -25.27
N LEU A 55 10.71 2.44 -24.48
CA LEU A 55 10.62 2.37 -23.01
C LEU A 55 11.12 3.65 -22.35
N SER A 56 10.22 4.34 -21.63
CA SER A 56 10.57 5.48 -20.80
C SER A 56 11.52 5.07 -19.68
N THR A 57 12.04 6.05 -18.95
CA THR A 57 12.92 5.77 -17.82
C THR A 57 12.16 4.95 -16.77
N PHE A 58 10.90 5.30 -16.53
CA PHE A 58 10.04 4.55 -15.60
C PHE A 58 9.87 3.10 -16.05
N GLY A 59 9.62 2.91 -17.35
CA GLY A 59 9.52 1.57 -17.92
C GLY A 59 10.81 0.78 -17.72
N LEU A 60 11.94 1.43 -17.95
CA LEU A 60 13.24 0.81 -17.74
C LEU A 60 13.41 0.33 -16.29
N MET A 61 13.01 1.18 -15.34
CA MET A 61 13.10 0.83 -13.93
C MET A 61 12.23 -0.39 -13.63
N CYS A 62 11.04 -0.44 -14.24
CA CYS A 62 10.15 -1.59 -14.07
C CYS A 62 10.79 -2.85 -14.62
N LYS A 63 11.47 -2.72 -15.76
CA LYS A 63 12.14 -3.87 -16.39
C LYS A 63 13.28 -4.37 -15.51
N MET A 64 14.03 -3.45 -14.92
CA MET A 64 15.11 -3.79 -13.99
CA MET A 64 15.09 -3.85 -14.03
C MET A 64 14.56 -4.55 -12.79
N ALA A 65 13.44 -4.06 -12.26
CA ALA A 65 12.82 -4.69 -11.09
C ALA A 65 12.39 -6.11 -11.44
N ASP A 66 11.71 -6.25 -12.58
CA ASP A 66 11.21 -7.55 -13.05
C ASP A 66 12.36 -8.57 -13.15
N GLN A 67 13.42 -8.20 -13.87
CA GLN A 67 14.57 -9.07 -14.05
C GLN A 67 15.29 -9.38 -12.74
N THR A 68 15.38 -8.39 -11.85
CA THR A 68 15.99 -8.61 -10.54
C THR A 68 15.18 -9.58 -9.70
N LEU A 69 13.86 -9.55 -9.83
CA LEU A 69 13.00 -10.50 -9.13
C LEU A 69 13.29 -11.94 -9.51
N PHE A 70 13.55 -12.22 -10.79
CA PHE A 70 13.95 -13.58 -11.18
C PHE A 70 15.21 -14.00 -10.43
N SER A 71 16.16 -13.07 -10.28
CA SER A 71 17.42 -13.37 -9.59
C SER A 71 17.21 -13.55 -8.08
N ILE A 72 16.31 -12.76 -7.50
CA ILE A 72 15.95 -12.88 -6.09
C ILE A 72 15.31 -14.24 -5.81
N VAL A 73 14.38 -14.65 -6.67
CA VAL A 73 13.76 -15.98 -6.50
C VAL A 73 14.80 -17.08 -6.61
N GLU A 74 15.71 -16.98 -7.58
CA GLU A 74 16.76 -17.98 -7.73
C GLU A 74 17.68 -18.02 -6.52
N TRP A 75 18.06 -16.85 -6.03
CA TRP A 75 18.85 -16.75 -4.81
C TRP A 75 18.16 -17.43 -3.62
N ALA A 76 16.90 -17.10 -3.39
CA ALA A 76 16.16 -17.62 -2.23
C ALA A 76 16.05 -19.14 -2.31
N ARG A 77 15.64 -19.62 -3.48
CA ARG A 77 15.40 -21.05 -3.73
C ARG A 77 16.58 -21.94 -3.35
N SER A 78 17.79 -21.45 -3.61
CA SER A 78 18.99 -22.24 -3.35
C SER A 78 19.64 -21.95 -2.00
N SER A 79 19.07 -21.03 -1.22
CA SER A 79 19.68 -20.58 0.04
C SER A 79 19.48 -21.56 1.18
N ILE A 80 20.45 -21.55 2.09
CA ILE A 80 20.35 -22.30 3.35
C ILE A 80 19.05 -21.93 4.07
N PHE A 81 18.44 -22.95 4.69
CA PHE A 81 17.15 -22.87 5.40
C PHE A 81 15.95 -22.74 4.47
N PHE A 82 15.95 -21.74 3.59
CA PHE A 82 14.83 -21.55 2.68
C PHE A 82 14.58 -22.81 1.83
N ARG A 83 15.66 -23.46 1.40
CA ARG A 83 15.53 -24.68 0.59
C ARG A 83 14.91 -25.87 1.34
N GLU A 84 14.83 -25.79 2.66
CA GLU A 84 14.17 -26.84 3.45
C GLU A 84 12.66 -26.66 3.48
N LEU A 85 12.17 -25.46 3.20
CA LEU A 85 10.75 -25.18 3.25
C LEU A 85 10.06 -25.78 2.05
N LYS A 86 8.84 -26.28 2.26
CA LYS A 86 7.98 -26.70 1.15
C LYS A 86 7.61 -25.49 0.32
N VAL A 87 7.27 -25.70 -0.94
CA VAL A 87 7.04 -24.59 -1.87
C VAL A 87 5.95 -23.62 -1.39
N ASP A 88 4.91 -24.13 -0.73
CA ASP A 88 3.85 -23.24 -0.25
C ASP A 88 4.36 -22.25 0.79
N ASP A 89 5.24 -22.70 1.69
CA ASP A 89 5.89 -21.79 2.65
C ASP A 89 6.81 -20.80 1.96
N GLN A 90 7.58 -21.30 1.00
CA GLN A 90 8.48 -20.45 0.22
C GLN A 90 7.73 -19.33 -0.49
N MET A 91 6.57 -19.67 -1.05
CA MET A 91 5.73 -18.69 -1.72
C MET A 91 5.21 -17.64 -0.74
N LYS A 92 4.73 -18.08 0.42
CA LYS A 92 4.22 -17.17 1.44
C LYS A 92 5.28 -16.16 1.88
N LEU A 93 6.51 -16.62 2.10
CA LEU A 93 7.59 -15.74 2.53
C LEU A 93 7.96 -14.73 1.44
N LEU A 94 8.10 -15.20 0.19
CA LEU A 94 8.48 -14.30 -0.90
C LEU A 94 7.36 -13.30 -1.25
N GLN A 95 6.11 -13.74 -1.17
CA GLN A 95 4.97 -12.85 -1.40
C GLN A 95 4.95 -11.72 -0.37
N ASN A 96 5.38 -12.03 0.84
CA ASN A 96 5.45 -11.06 1.91
C ASN A 96 6.55 -10.00 1.76
N CYS A 97 7.70 -10.38 1.21
CA CYS A 97 8.89 -9.52 1.27
C CYS A 97 9.55 -9.14 -0.05
N TRP A 98 8.97 -9.53 -1.19
CA TRP A 98 9.68 -9.36 -2.46
C TRP A 98 10.09 -7.90 -2.72
N SER A 99 9.19 -6.96 -2.44
CA SER A 99 9.49 -5.55 -2.64
C SER A 99 10.54 -5.02 -1.67
N GLU A 100 10.56 -5.55 -0.44
CA GLU A 100 11.59 -5.19 0.53
C GLU A 100 12.96 -5.70 0.09
N LEU A 101 13.01 -6.91 -0.46
CA LEU A 101 14.27 -7.42 -0.98
C LEU A 101 14.77 -6.58 -2.16
N LEU A 102 13.86 -6.20 -3.08
CA LEU A 102 14.23 -5.31 -4.17
C LEU A 102 14.83 -4.00 -3.66
N ILE A 103 14.17 -3.42 -2.67
CA ILE A 103 14.58 -2.12 -2.14
C ILE A 103 15.88 -2.23 -1.34
N LEU A 104 15.99 -3.25 -0.50
CA LEU A 104 17.23 -3.50 0.23
C LEU A 104 18.40 -3.73 -0.72
N ASP A 105 18.18 -4.51 -1.77
CA ASP A 105 19.19 -4.78 -2.80
C ASP A 105 19.65 -3.46 -3.45
N HIS A 106 18.69 -2.62 -3.83
CA HIS A 106 18.98 -1.33 -4.43
C HIS A 106 19.78 -0.43 -3.48
N ILE A 107 19.32 -0.34 -2.23
CA ILE A 107 19.96 0.49 -1.21
C ILE A 107 21.43 0.07 -0.98
N TYR A 108 21.68 -1.22 -0.79
CA TYR A 108 23.04 -1.71 -0.61
C TYR A 108 23.92 -1.46 -1.83
N ARG A 109 23.35 -1.59 -3.03
CA ARG A 109 24.11 -1.28 -4.25
C ARG A 109 24.57 0.18 -4.29
N GLN A 110 23.73 1.10 -3.82
CA GLN A 110 24.10 2.52 -3.75
C GLN A 110 25.14 2.77 -2.67
N VAL A 111 24.99 2.06 -1.55
CA VAL A 111 25.98 2.15 -0.47
C VAL A 111 27.39 1.75 -0.96
N VAL A 112 27.49 0.63 -1.66
CA VAL A 112 28.78 0.13 -2.16
C VAL A 112 29.28 0.86 -3.40
N HIS A 113 28.42 0.97 -4.42
CA HIS A 113 28.83 1.46 -5.74
C HIS A 113 28.37 2.88 -6.04
N GLY A 114 27.41 3.39 -5.26
CA GLY A 114 26.82 4.69 -5.52
C GLY A 114 27.70 5.85 -5.10
N LYS A 115 27.24 7.05 -5.43
CA LYS A 115 27.98 8.27 -5.13
C LYS A 115 27.01 9.46 -5.15
N GLU A 116 27.56 10.66 -5.30
CA GLU A 116 26.77 11.89 -5.27
C GLU A 116 25.98 12.11 -6.55
N GLY A 117 24.66 12.03 -6.44
CA GLY A 117 23.77 12.39 -7.54
C GLY A 117 23.74 11.42 -8.69
N SER A 118 24.11 10.16 -8.42
CA SER A 118 24.02 9.12 -9.43
C SER A 118 23.39 7.87 -8.82
N ILE A 119 22.74 7.09 -9.68
CA ILE A 119 22.08 5.85 -9.29
C ILE A 119 22.74 4.72 -10.06
N PHE A 120 23.18 3.71 -9.33
CA PHE A 120 23.81 2.53 -9.93
CA PHE A 120 23.79 2.53 -9.94
C PHE A 120 22.74 1.44 -10.06
N LEU A 121 22.58 0.93 -11.28
CA LEU A 121 21.56 -0.06 -11.57
C LEU A 121 22.17 -1.47 -11.55
N VAL A 122 21.31 -2.48 -11.46
CA VAL A 122 21.75 -3.88 -11.39
C VAL A 122 22.55 -4.34 -12.61
N THR A 123 22.34 -3.66 -13.74
CA THR A 123 23.10 -3.91 -14.96
C THR A 123 24.51 -3.31 -14.92
N GLY A 124 24.79 -2.49 -13.90
CA GLY A 124 26.07 -1.79 -13.81
C GLY A 124 25.99 -0.38 -14.38
N GLN A 125 24.89 -0.09 -15.08
CA GLN A 125 24.63 1.22 -15.65
C GLN A 125 24.52 2.24 -14.51
N GLN A 126 25.16 3.39 -14.71
CA GLN A 126 25.05 4.51 -13.78
C GLN A 126 24.26 5.60 -14.49
N VAL A 127 23.23 6.09 -13.82
CA VAL A 127 22.39 7.15 -14.35
C VAL A 127 22.41 8.31 -13.38
N ASP A 128 22.36 9.53 -13.90
CA ASP A 128 22.25 10.71 -13.06
C ASP A 128 20.89 10.75 -12.38
N TYR A 129 20.88 11.12 -11.09
CA TYR A 129 19.65 11.09 -10.29
C TYR A 129 18.53 11.93 -10.89
N SER A 130 18.86 13.11 -11.42
CA SER A 130 17.87 14.02 -12.01
C SER A 130 17.26 13.48 -13.30
N ILE A 131 18.02 12.68 -14.05
CA ILE A 131 17.47 12.06 -15.26
C ILE A 131 16.24 11.23 -14.90
N ILE A 132 16.28 10.57 -13.74
CA ILE A 132 15.15 9.79 -13.27
C ILE A 132 14.12 10.66 -12.57
N ALA A 133 14.59 11.46 -11.61
CA ALA A 133 13.70 12.22 -10.73
C ALA A 133 12.92 13.33 -11.41
N SER A 134 13.57 14.07 -12.31
CA SER A 134 12.89 15.17 -13.03
C SER A 134 11.74 14.69 -13.91
N GLN A 135 11.78 13.42 -14.31
CA GLN A 135 10.73 12.82 -15.13
C GLN A 135 9.63 12.15 -14.32
N ALA A 136 9.78 12.13 -12.99
CA ALA A 136 8.82 11.46 -12.13
C ALA A 136 7.94 12.49 -11.41
N GLY A 137 6.75 12.06 -11.00
CA GLY A 137 5.87 12.90 -10.20
C GLY A 137 6.21 12.82 -8.73
N ALA A 138 5.38 13.47 -7.91
CA ALA A 138 5.66 13.62 -6.48
C ALA A 138 5.87 12.29 -5.77
N THR A 139 4.99 11.32 -6.01
CA THR A 139 5.05 10.07 -5.27
C THR A 139 6.38 9.35 -5.49
N LEU A 140 6.75 9.13 -6.74
CA LEU A 140 8.00 8.43 -7.03
C LEU A 140 9.22 9.23 -6.55
N ASN A 141 9.20 10.55 -6.75
CA ASN A 141 10.24 11.42 -6.18
C ASN A 141 10.40 11.25 -4.67
N ASN A 142 9.29 11.19 -3.96
CA ASN A 142 9.30 11.01 -2.51
C ASN A 142 9.89 9.66 -2.13
N LEU A 143 9.50 8.61 -2.84
CA LEU A 143 10.03 7.27 -2.58
C LEU A 143 11.53 7.21 -2.86
N MET A 144 11.94 7.75 -4.00
CA MET A 144 13.36 7.80 -4.35
C MET A 144 14.17 8.58 -3.32
N SER A 145 13.66 9.74 -2.92
CA SER A 145 14.30 10.56 -1.88
C SER A 145 14.41 9.81 -0.54
N HIS A 146 13.35 9.12 -0.15
CA HIS A 146 13.35 8.34 1.09
CA HIS A 146 13.37 8.35 1.10
C HIS A 146 14.37 7.21 1.01
N ALA A 147 14.45 6.55 -0.15
CA ALA A 147 15.45 5.50 -0.36
C ALA A 147 16.87 6.03 -0.23
N GLN A 148 17.14 7.21 -0.81
CA GLN A 148 18.51 7.75 -0.73
C GLN A 148 18.87 8.25 0.67
N GLU A 149 17.86 8.60 1.48
CA GLU A 149 18.09 8.89 2.90
C GLU A 149 18.54 7.65 3.65
N LEU A 150 17.92 6.51 3.35
CA LEU A 150 18.35 5.25 3.93
C LEU A 150 19.78 4.93 3.50
N VAL A 151 20.07 5.14 2.22
CA VAL A 151 21.43 4.97 1.71
C VAL A 151 22.42 5.82 2.53
N ALA A 152 22.08 7.09 2.73
CA ALA A 152 22.91 8.01 3.51
C ALA A 152 23.09 7.55 4.96
N LYS A 153 22.00 7.12 5.57
CA LYS A 153 22.05 6.63 6.96
C LYS A 153 22.94 5.39 7.08
N LEU A 154 22.75 4.43 6.16
CA LEU A 154 23.53 3.19 6.19
C LEU A 154 25.00 3.42 5.87
N ARG A 155 25.28 4.35 4.96
CA ARG A 155 26.66 4.84 4.74
C ARG A 155 27.31 5.25 6.04
N SER A 156 26.63 6.15 6.77
CA SER A 156 27.17 6.71 8.01
C SER A 156 27.39 5.66 9.10
N LEU A 157 26.59 4.60 9.07
CA LEU A 157 26.73 3.49 10.00
C LEU A 157 27.86 2.52 9.59
N GLN A 158 28.42 2.70 8.40
CA GLN A 158 29.40 1.77 7.84
C GLN A 158 28.79 0.37 7.69
N PHE A 159 27.62 0.35 7.07
CA PHE A 159 26.89 -0.87 6.71
C PHE A 159 27.78 -1.69 5.78
N ASP A 160 27.98 -2.98 6.11
CA ASP A 160 28.88 -3.84 5.34
C ASP A 160 28.20 -5.12 4.82
N GLN A 161 28.94 -5.92 4.07
CA GLN A 161 28.36 -7.06 3.34
C GLN A 161 27.79 -8.12 4.28
N ARG A 162 28.46 -8.35 5.40
CA ARG A 162 28.01 -9.31 6.40
C ARG A 162 26.66 -8.87 6.97
N GLU A 163 26.55 -7.58 7.30
CA GLU A 163 25.32 -7.02 7.84
C GLU A 163 24.20 -7.04 6.79
N PHE A 164 24.57 -6.76 5.54
CA PHE A 164 23.62 -6.78 4.43
C PHE A 164 22.98 -8.16 4.27
N VAL A 165 23.80 -9.21 4.21
CA VAL A 165 23.28 -10.56 4.04
CA VAL A 165 23.29 -10.56 4.05
C VAL A 165 22.41 -10.95 5.23
N CYS A 166 22.78 -10.50 6.43
CA CYS A 166 21.95 -10.75 7.62
C CYS A 166 20.57 -10.10 7.46
N LEU A 167 20.54 -8.85 7.03
CA LEU A 167 19.26 -8.16 6.83
C LEU A 167 18.41 -8.84 5.75
N LYS A 168 19.04 -9.32 4.68
CA LYS A 168 18.31 -10.08 3.67
C LYS A 168 17.58 -11.26 4.28
N PHE A 169 18.27 -12.03 5.13
CA PHE A 169 17.63 -13.16 5.78
C PHE A 169 16.56 -12.73 6.79
N LEU A 170 16.78 -11.64 7.51
CA LEU A 170 15.77 -11.13 8.45
C LEU A 170 14.51 -10.64 7.74
N VAL A 171 14.69 -10.06 6.56
CA VAL A 171 13.56 -9.64 5.72
C VAL A 171 12.80 -10.86 5.18
N LEU A 172 13.54 -11.85 4.69
CA LEU A 172 12.93 -13.03 4.11
C LEU A 172 12.19 -13.88 5.14
N PHE A 173 12.83 -14.12 6.29
CA PHE A 173 12.26 -14.99 7.32
C PHE A 173 11.47 -14.17 8.35
N SER A 174 10.38 -13.60 7.86
CA SER A 174 9.53 -12.69 8.65
C SER A 174 8.65 -13.44 9.63
N LEU A 175 8.53 -12.90 10.85
CA LEU A 175 7.59 -13.43 11.84
C LEU A 175 6.16 -12.94 11.63
N ASP A 176 5.95 -12.03 10.69
CA ASP A 176 4.60 -11.51 10.41
C ASP A 176 3.83 -12.34 9.38
N VAL A 177 4.42 -13.44 8.91
CA VAL A 177 3.79 -14.26 7.88
C VAL A 177 2.96 -15.37 8.51
N LYS A 178 1.67 -15.37 8.19
CA LYS A 178 0.72 -16.29 8.81
C LYS A 178 0.56 -17.57 8.00
N ASN A 179 0.17 -18.63 8.70
CA ASN A 179 -0.16 -19.93 8.11
C ASN A 179 1.02 -20.66 7.48
N LEU A 180 2.22 -20.44 8.03
CA LEU A 180 3.39 -21.23 7.62
C LEU A 180 3.30 -22.64 8.18
N GLU A 181 3.65 -23.62 7.37
CA GLU A 181 3.71 -25.00 7.85
C GLU A 181 4.89 -25.17 8.81
N ASN A 182 6.08 -24.74 8.38
CA ASN A 182 7.29 -24.88 9.18
C ASN A 182 7.67 -23.55 9.82
N PHE A 183 6.78 -23.04 10.67
CA PHE A 183 7.08 -21.82 11.42
C PHE A 183 8.26 -22.03 12.37
N GLN A 184 8.48 -23.28 12.80
CA GLN A 184 9.61 -23.62 13.68
C GLN A 184 10.93 -23.16 13.08
N LEU A 185 11.16 -23.55 11.82
CA LEU A 185 12.39 -23.20 11.13
C LEU A 185 12.47 -21.69 10.90
N VAL A 186 11.37 -21.06 10.50
CA VAL A 186 11.37 -19.62 10.20
C VAL A 186 11.65 -18.79 11.45
N GLU A 187 11.00 -19.09 12.56
CA GLU A 187 11.29 -18.38 13.80
C GLU A 187 12.74 -18.64 14.25
N GLY A 188 13.23 -19.87 14.06
CA GLY A 188 14.63 -20.20 14.37
C GLY A 188 15.63 -19.36 13.61
N VAL A 189 15.41 -19.23 12.30
CA VAL A 189 16.31 -18.46 11.47
C VAL A 189 16.31 -16.98 11.88
N GLN A 190 15.12 -16.43 12.09
CA GLN A 190 14.99 -15.02 12.51
C GLN A 190 15.73 -14.79 13.82
N GLU A 191 15.52 -15.68 14.80
CA GLU A 191 16.18 -15.55 16.09
C GLU A 191 17.70 -15.63 15.98
N GLN A 192 18.18 -16.60 15.23
CA GLN A 192 19.62 -16.90 15.18
C GLN A 192 20.40 -15.96 14.29
N VAL A 193 19.78 -15.47 13.21
CA VAL A 193 20.43 -14.43 12.41
C VAL A 193 20.54 -13.15 13.24
N ASN A 194 19.48 -12.82 13.98
CA ASN A 194 19.54 -11.71 14.95
C ASN A 194 20.72 -11.86 15.92
N ALA A 195 20.86 -13.03 16.52
CA ALA A 195 21.92 -13.30 17.50
C ALA A 195 23.30 -13.12 16.89
N ALA A 196 23.50 -13.70 15.71
CA ALA A 196 24.79 -13.64 15.02
C ALA A 196 25.14 -12.22 14.58
N LEU A 197 24.15 -11.49 14.07
CA LEU A 197 24.34 -10.09 13.69
C LEU A 197 24.78 -9.23 14.88
N LEU A 198 24.14 -9.39 16.03
CA LEU A 198 24.49 -8.65 17.24
C LEU A 198 25.92 -8.97 17.66
N ASP A 199 26.24 -10.25 17.73
CA ASP A 199 27.61 -10.72 17.99
C ASP A 199 28.59 -10.04 17.02
N TYR A 200 28.25 -10.05 15.73
CA TYR A 200 29.10 -9.50 14.68
C TYR A 200 29.35 -8.01 14.83
N THR A 201 28.30 -7.24 15.08
CA THR A 201 28.41 -5.79 15.19
C THR A 201 29.12 -5.36 16.49
N MET A 202 28.82 -6.06 17.59
CA MET A 202 29.50 -5.84 18.87
C MET A 202 31.00 -6.12 18.77
N CYS A 203 31.36 -7.10 17.96
CA CYS A 203 32.75 -7.53 17.79
C CYS A 203 33.54 -6.59 16.89
N ASN A 204 33.02 -6.36 15.69
CA ASN A 204 33.75 -5.68 14.61
C ASN A 204 33.54 -4.16 14.53
N TYR A 205 32.57 -3.65 15.27
CA TYR A 205 32.31 -2.20 15.33
C TYR A 205 32.06 -1.73 16.77
N PRO A 206 33.02 -2.00 17.68
CA PRO A 206 32.80 -1.71 19.11
C PRO A 206 32.54 -0.23 19.43
N GLN A 207 33.10 0.68 18.64
CA GLN A 207 32.93 2.12 18.87
C GLN A 207 31.52 2.62 18.58
N GLN A 208 30.76 1.86 17.77
CA GLN A 208 29.35 2.14 17.54
C GLN A 208 28.52 1.20 18.42
N THR A 209 28.37 1.57 19.70
CA THR A 209 27.76 0.69 20.68
C THR A 209 26.29 0.30 20.38
N GLU A 210 25.62 1.08 19.54
CA GLU A 210 24.22 0.84 19.21
C GLU A 210 24.00 0.51 17.72
N LYS A 211 25.04 0.03 17.03
CA LYS A 211 24.93 -0.27 15.60
C LYS A 211 23.83 -1.29 15.29
N PHE A 212 23.76 -2.34 16.10
CA PHE A 212 22.77 -3.41 15.90
C PHE A 212 21.36 -2.83 15.89
N GLY A 213 21.03 -2.06 16.93
CA GLY A 213 19.73 -1.41 17.03
C GLY A 213 19.45 -0.46 15.88
N GLN A 214 20.46 0.30 15.47
CA GLN A 214 20.32 1.23 14.35
C GLN A 214 20.11 0.51 13.02
N LEU A 215 20.74 -0.65 12.85
CA LEU A 215 20.51 -1.45 11.63
C LEU A 215 19.08 -1.97 11.58
N LEU A 216 18.59 -2.50 12.71
CA LEU A 216 17.24 -3.05 12.78
C LEU A 216 16.15 -1.99 12.56
N LEU A 217 16.42 -0.75 12.96
CA LEU A 217 15.47 0.35 12.78
C LEU A 217 15.23 0.67 11.31
N ARG A 218 16.12 0.20 10.44
CA ARG A 218 15.97 0.43 9.01
C ARG A 218 14.95 -0.54 8.39
N LEU A 219 14.67 -1.66 9.06
CA LEU A 219 13.75 -2.65 8.50
C LEU A 219 12.30 -2.15 8.41
N PRO A 220 11.76 -1.54 9.48
CA PRO A 220 10.43 -0.95 9.34
C PRO A 220 10.36 0.15 8.28
N GLU A 221 11.44 0.91 8.12
CA GLU A 221 11.50 1.97 7.12
C GLU A 221 11.46 1.36 5.72
N ILE A 222 12.21 0.28 5.53
CA ILE A 222 12.22 -0.44 4.24
C ILE A 222 10.82 -1.01 3.95
N ARG A 223 10.18 -1.60 4.96
CA ARG A 223 8.81 -2.10 4.80
C ARG A 223 7.85 -1.00 4.35
N ALA A 224 7.94 0.16 4.99
CA ALA A 224 7.06 1.28 4.67
C ALA A 224 7.25 1.75 3.24
N ILE A 225 8.50 1.94 2.84
CA ILE A 225 8.83 2.39 1.49
C ILE A 225 8.35 1.35 0.47
N SER A 226 8.59 0.07 0.79
CA SER A 226 8.18 -1.02 -0.11
C SER A 226 6.66 -1.06 -0.32
N MET A 227 5.90 -0.87 0.76
CA MET A 227 4.44 -0.86 0.64
C MET A 227 3.94 0.33 -0.17
N GLN A 228 4.53 1.50 0.06
CA GLN A 228 4.21 2.68 -0.73
C GLN A 228 4.57 2.48 -2.20
N ALA A 229 5.74 1.87 -2.45
CA ALA A 229 6.17 1.54 -3.82
C ALA A 229 5.22 0.59 -4.52
N GLU A 230 4.78 -0.45 -3.81
CA GLU A 230 3.82 -1.39 -4.39
C GLU A 230 2.52 -0.69 -4.76
N GLU A 231 1.99 0.14 -3.86
CA GLU A 231 0.75 0.89 -4.13
C GLU A 231 0.88 1.77 -5.36
N TYR A 232 2.03 2.45 -5.47
CA TYR A 232 2.29 3.31 -6.60
C TYR A 232 2.35 2.49 -7.90
N LEU A 233 3.13 1.41 -7.89
CA LEU A 233 3.23 0.56 -9.08
C LEU A 233 1.90 -0.07 -9.46
N TYR A 234 1.08 -0.38 -8.46
CA TYR A 234 -0.26 -0.93 -8.70
C TYR A 234 -1.12 0.09 -9.43
N TYR A 235 -1.05 1.34 -8.97
CA TYR A 235 -1.74 2.42 -9.67
C TYR A 235 -1.22 2.57 -11.11
N LYS A 236 0.11 2.56 -11.27
CA LYS A 236 0.68 2.74 -12.61
C LYS A 236 0.26 1.61 -13.56
N HIS A 237 0.15 0.40 -13.02
CA HIS A 237 -0.36 -0.74 -13.80
C HIS A 237 -1.82 -0.53 -14.21
N LEU A 238 -2.67 -0.14 -13.26
CA LEU A 238 -4.07 0.20 -13.57
C LEU A 238 -4.16 1.31 -14.62
N ASN A 239 -3.20 2.24 -14.60
CA ASN A 239 -3.19 3.39 -15.49
C ASN A 239 -2.58 3.09 -16.86
N GLY A 240 -2.05 1.87 -17.03
CA GLY A 240 -1.47 1.43 -18.30
C GLY A 240 -0.02 1.86 -18.54
N ASP A 241 0.71 2.17 -17.47
CA ASP A 241 2.05 2.74 -17.60
C ASP A 241 3.19 1.75 -17.38
N VAL A 242 2.87 0.56 -16.88
CA VAL A 242 3.88 -0.47 -16.59
C VAL A 242 4.05 -1.31 -17.84
N PRO A 243 5.28 -1.37 -18.38
CA PRO A 243 5.46 -2.16 -19.58
C PRO A 243 5.13 -3.63 -19.34
N TYR A 244 4.72 -4.29 -20.41
CA TYR A 244 4.42 -5.71 -20.35
C TYR A 244 5.57 -6.49 -19.71
N ASN A 245 5.22 -7.35 -18.76
CA ASN A 245 6.17 -8.23 -18.11
C ASN A 245 5.41 -9.41 -17.53
N ASN A 246 6.15 -10.38 -17.00
CA ASN A 246 5.54 -11.57 -16.41
C ASN A 246 5.59 -11.54 -14.88
N LEU A 247 6.79 -11.41 -14.30
CA LEU A 247 6.94 -11.66 -12.87
C LEU A 247 6.55 -10.48 -11.97
N LEU A 248 6.97 -9.27 -12.31
CA LEU A 248 6.62 -8.09 -11.51
C LEU A 248 5.10 -7.99 -11.30
N ILE A 249 4.33 -8.14 -12.38
CA ILE A 249 2.88 -8.04 -12.31
CA ILE A 249 2.87 -8.05 -12.31
C ILE A 249 2.30 -9.15 -11.41
N GLU A 250 2.83 -10.36 -11.51
CA GLU A 250 2.35 -11.43 -10.63
C GLU A 250 2.65 -11.14 -9.17
N MET A 251 3.82 -10.58 -8.89
CA MET A 251 4.17 -10.27 -7.49
C MET A 251 3.36 -9.07 -6.99
N LEU A 252 3.05 -8.12 -7.86
CA LEU A 252 2.19 -7.00 -7.46
C LEU A 252 0.81 -7.47 -7.01
N HIS A 253 0.34 -8.59 -7.56
CA HIS A 253 -0.91 -9.19 -7.12
C HIS A 253 -0.74 -10.21 -5.98
N ALA A 254 0.47 -10.35 -5.44
CA ALA A 254 0.74 -11.27 -4.33
C ALA A 254 0.08 -10.82 -3.02
N LYS B 1 -0.21 -17.60 -0.84
CA LYS B 1 -1.20 -17.36 -1.93
C LYS B 1 -0.80 -18.11 -3.19
N GLU B 2 -1.80 -18.62 -3.92
CA GLU B 2 -1.58 -19.30 -5.20
C GLU B 2 -1.07 -18.35 -6.28
N ASN B 3 -0.03 -18.79 -7.00
CA ASN B 3 0.63 -17.96 -8.04
C ASN B 3 1.42 -18.96 -8.87
N ALA B 4 0.85 -19.36 -10.01
CA ALA B 4 1.41 -20.43 -10.81
C ALA B 4 2.85 -20.15 -11.30
N LEU B 5 3.15 -18.89 -11.58
CA LEU B 5 4.47 -18.56 -12.11
C LEU B 5 5.52 -18.64 -10.99
N LEU B 6 5.23 -18.02 -9.85
CA LEU B 6 6.17 -18.08 -8.72
C LEU B 6 6.41 -19.53 -8.29
N ARG B 7 5.34 -20.32 -8.23
CA ARG B 7 5.45 -21.74 -7.89
C ARG B 7 6.42 -22.43 -8.84
N TYR B 8 6.22 -22.22 -10.13
CA TYR B 8 7.09 -22.79 -11.16
C TYR B 8 8.56 -22.39 -10.99
N LEU B 9 8.83 -21.10 -10.79
CA LEU B 9 10.20 -20.63 -10.64
C LEU B 9 10.88 -21.24 -9.40
N LEU B 10 10.10 -21.53 -8.36
CA LEU B 10 10.65 -22.14 -7.14
C LEU B 10 10.90 -23.63 -7.32
N ASP B 11 10.08 -24.26 -8.15
CA ASP B 11 10.13 -25.71 -8.36
C ASP B 11 11.15 -26.17 -9.39
N LYS B 12 11.46 -25.33 -10.38
CA LYS B 12 12.23 -25.79 -11.54
C LYS B 12 13.68 -26.12 -11.19
N SER C 16 -30.59 -15.41 2.35
CA SER C 16 -30.24 -15.44 3.78
C SER C 16 -28.98 -14.62 4.03
N ILE C 17 -28.95 -13.93 5.17
CA ILE C 17 -27.85 -13.04 5.52
C ILE C 17 -27.13 -13.58 6.75
N PRO C 18 -25.80 -13.76 6.67
CA PRO C 18 -25.07 -14.21 7.85
C PRO C 18 -25.25 -13.24 9.03
N HIS C 19 -25.39 -13.80 10.22
CA HIS C 19 -25.65 -12.98 11.42
C HIS C 19 -24.70 -11.79 11.57
N LEU C 20 -23.41 -12.02 11.35
CA LEU C 20 -22.41 -10.95 11.43
C LEU C 20 -22.73 -9.79 10.51
N ILE C 21 -23.18 -10.10 9.28
CA ILE C 21 -23.51 -9.06 8.32
C ILE C 21 -24.71 -8.24 8.82
N LEU C 22 -25.68 -8.91 9.45
CA LEU C 22 -26.81 -8.21 10.08
C LEU C 22 -26.33 -7.23 11.15
N GLU C 23 -25.33 -7.63 11.93
CA GLU C 23 -24.72 -6.75 12.92
C GLU C 23 -24.05 -5.53 12.27
N LEU C 24 -23.33 -5.76 11.18
CA LEU C 24 -22.67 -4.67 10.47
C LEU C 24 -23.69 -3.68 9.90
N LEU C 25 -24.81 -4.21 9.40
CA LEU C 25 -25.89 -3.37 8.85
C LEU C 25 -26.53 -2.48 9.91
N LYS C 26 -26.64 -3.01 11.12
CA LYS C 26 -27.21 -2.23 12.24
C LYS C 26 -26.39 -0.98 12.54
N CYS C 27 -25.10 -1.00 12.19
CA CYS C 27 -24.19 0.11 12.49
C CYS C 27 -24.19 1.20 11.41
N GLU C 28 -24.88 0.96 10.29
CA GLU C 28 -24.91 1.93 9.20
C GLU C 28 -25.56 3.23 9.63
N PRO C 29 -25.05 4.37 9.13
CA PRO C 29 -25.63 5.65 9.51
C PRO C 29 -27.06 5.82 8.96
N ASP C 30 -27.77 6.79 9.51
CA ASP C 30 -29.09 7.17 9.03
C ASP C 30 -28.89 8.05 7.79
N GLU C 31 -29.06 7.46 6.61
CA GLU C 31 -28.75 8.14 5.34
C GLU C 31 -29.51 9.45 5.16
N PRO C 32 -30.84 9.46 5.38
CA PRO C 32 -31.56 10.74 5.34
C PRO C 32 -31.02 11.81 6.28
N GLN C 33 -30.65 11.40 7.50
CA GLN C 33 -30.13 12.34 8.49
C GLN C 33 -28.78 12.92 8.05
N VAL C 34 -27.89 12.05 7.57
CA VAL C 34 -26.58 12.49 7.07
C VAL C 34 -26.75 13.46 5.90
N GLN C 35 -27.61 13.08 4.95
CA GLN C 35 -27.88 13.91 3.78
C GLN C 35 -28.38 15.30 4.18
N ALA C 36 -29.38 15.33 5.08
CA ALA C 36 -29.99 16.58 5.52
C ALA C 36 -29.02 17.45 6.32
N LYS C 37 -28.14 16.80 7.08
CA LYS C 37 -27.13 17.51 7.86
C LYS C 37 -26.12 18.21 6.95
N ILE C 38 -25.66 17.51 5.92
CA ILE C 38 -24.65 18.08 5.02
C ILE C 38 -25.30 19.14 4.12
N MET C 39 -26.55 18.91 3.72
CA MET C 39 -27.30 19.91 2.95
C MET C 39 -27.43 21.23 3.73
N ALA C 40 -27.77 21.12 5.01
CA ALA C 40 -27.91 22.30 5.87
C ALA C 40 -26.59 23.04 6.01
N TYR C 41 -25.50 22.30 6.19
CA TYR C 41 -24.17 22.90 6.29
C TYR C 41 -23.83 23.73 5.04
N LEU C 42 -24.11 23.17 3.86
CA LEU C 42 -23.84 23.86 2.60
C LEU C 42 -24.73 25.08 2.40
N GLN C 43 -25.97 24.98 2.86
CA GLN C 43 -26.92 26.09 2.78
C GLN C 43 -26.45 27.27 3.62
N GLN C 44 -26.04 26.99 4.86
CA GLN C 44 -25.48 28.02 5.73
C GLN C 44 -24.24 28.65 5.11
N GLU C 45 -23.39 27.81 4.52
CA GLU C 45 -22.18 28.28 3.85
C GLU C 45 -22.49 29.24 2.71
N GLN C 46 -23.44 28.88 1.85
CA GLN C 46 -23.86 29.73 0.73
C GLN C 46 -24.51 31.03 1.22
N ALA C 47 -25.28 30.94 2.30
CA ALA C 47 -25.92 32.12 2.88
C ALA C 47 -24.90 33.11 3.42
N ASN C 48 -23.81 32.61 3.99
CA ASN C 48 -22.80 33.46 4.63
C ASN C 48 -21.67 33.96 3.72
N ARG C 49 -21.71 33.61 2.43
CA ARG C 49 -20.73 34.15 1.46
C ARG C 49 -21.04 35.60 1.13
N LYS C 51 -20.59 37.23 -1.71
CA LYS C 51 -20.39 38.56 -2.25
C LYS C 51 -19.23 38.57 -3.26
N HIS C 52 -18.01 38.46 -2.74
CA HIS C 52 -16.82 38.30 -3.57
C HIS C 52 -16.36 36.85 -3.58
N GLU C 53 -17.24 35.96 -3.12
CA GLU C 53 -16.95 34.53 -3.08
C GLU C 53 -17.95 33.75 -3.94
N LYS C 54 -17.44 32.73 -4.63
CA LYS C 54 -18.26 31.81 -5.42
C LYS C 54 -17.65 30.42 -5.33
N LEU C 55 -18.48 29.39 -5.22
CA LEU C 55 -17.98 28.02 -5.02
C LEU C 55 -17.86 27.22 -6.32
N SER C 56 -16.63 26.90 -6.70
CA SER C 56 -16.38 26.05 -7.86
C SER C 56 -16.79 24.60 -7.55
N THR C 57 -17.00 23.82 -8.59
CA THR C 57 -17.37 22.41 -8.39
C THR C 57 -16.23 21.65 -7.72
N PHE C 58 -14.98 22.01 -8.03
CA PHE C 58 -13.85 21.39 -7.37
C PHE C 58 -13.94 21.67 -5.87
N GLY C 59 -14.20 22.92 -5.51
CA GLY C 59 -14.39 23.32 -4.12
C GLY C 59 -15.53 22.58 -3.44
N LEU C 60 -16.64 22.43 -4.16
CA LEU C 60 -17.80 21.67 -3.68
C LEU C 60 -17.43 20.23 -3.35
N MET C 61 -16.67 19.58 -4.23
CA MET C 61 -16.27 18.19 -4.02
C MET C 61 -15.40 18.08 -2.76
N CYS C 62 -14.51 19.04 -2.57
CA CYS C 62 -13.67 19.06 -1.39
C CYS C 62 -14.51 19.18 -0.12
N LYS C 63 -15.54 20.04 -0.17
CA LYS C 63 -16.47 20.23 0.94
C LYS C 63 -17.28 18.97 1.22
N MET C 64 -17.69 18.27 0.15
CA MET C 64 -18.34 16.97 0.32
C MET C 64 -17.42 15.98 1.02
N ALA C 65 -16.15 15.93 0.61
CA ALA C 65 -15.18 15.03 1.22
C ALA C 65 -15.00 15.35 2.71
N ASP C 66 -14.82 16.63 2.99
CA ASP C 66 -14.62 17.12 4.36
C ASP C 66 -15.81 16.74 5.26
N GLN C 67 -17.02 17.07 4.82
CA GLN C 67 -18.22 16.83 5.63
C GLN C 67 -18.54 15.34 5.76
N THR C 68 -18.26 14.57 4.72
CA THR C 68 -18.46 13.13 4.78
C THR C 68 -17.47 12.48 5.76
N LEU C 69 -16.26 13.03 5.85
CA LEU C 69 -15.28 12.53 6.84
C LEU C 69 -15.78 12.65 8.28
N PHE C 70 -16.49 13.72 8.62
CA PHE C 70 -17.09 13.80 9.96
C PHE C 70 -18.08 12.65 10.20
N SER C 71 -18.89 12.35 9.20
CA SER C 71 -19.84 11.23 9.26
C SER C 71 -19.15 9.87 9.34
N ILE C 72 -18.06 9.71 8.59
CA ILE C 72 -17.26 8.46 8.63
C ILE C 72 -16.68 8.24 10.03
N VAL C 73 -16.15 9.30 10.64
CA VAL C 73 -15.59 9.15 11.98
C VAL C 73 -16.68 8.78 12.98
N GLU C 74 -17.82 9.43 12.88
CA GLU C 74 -18.98 9.17 13.73
C GLU C 74 -19.47 7.73 13.56
N TRP C 75 -19.52 7.28 12.32
CA TRP C 75 -19.89 5.90 11.99
C TRP C 75 -18.93 4.88 12.62
N ALA C 76 -17.63 5.10 12.42
CA ALA C 76 -16.62 4.16 12.89
C ALA C 76 -16.64 4.05 14.41
N ARG C 77 -16.66 5.19 15.10
CA ARG C 77 -16.53 5.18 16.57
C ARG C 77 -17.68 4.49 17.29
N SER C 78 -18.84 4.43 16.64
CA SER C 78 -20.01 3.75 17.19
C SER C 78 -20.18 2.31 16.69
N SER C 79 -19.32 1.88 15.78
CA SER C 79 -19.51 0.58 15.12
C SER C 79 -19.06 -0.57 16.00
N ILE C 80 -19.73 -1.70 15.81
CA ILE C 80 -19.36 -2.96 16.44
C ILE C 80 -17.84 -3.23 16.24
N PHE C 81 -17.21 -3.75 17.29
CA PHE C 81 -15.76 -4.06 17.33
C PHE C 81 -14.88 -2.82 17.41
N PHE C 82 -15.04 -1.89 16.47
CA PHE C 82 -14.23 -0.68 16.45
C PHE C 82 -14.36 0.10 17.76
N ARG C 83 -15.57 0.11 18.30
CA ARG C 83 -15.85 0.78 19.57
C ARG C 83 -15.11 0.16 20.77
N GLU C 84 -14.63 -1.08 20.62
CA GLU C 84 -13.86 -1.76 21.68
C GLU C 84 -12.37 -1.40 21.65
N LEU C 85 -11.91 -0.70 20.62
CA LEU C 85 -10.51 -0.35 20.47
C LEU C 85 -10.21 0.93 21.23
N LYS C 86 -9.00 1.04 21.75
CA LYS C 86 -8.56 2.27 22.40
C LYS C 86 -8.38 3.34 21.33
N VAL C 87 -8.54 4.59 21.75
CA VAL C 87 -8.54 5.70 20.80
C VAL C 87 -7.29 5.73 19.90
N ASP C 88 -6.12 5.39 20.44
CA ASP C 88 -4.90 5.41 19.64
C ASP C 88 -4.95 4.39 18.50
N ASP C 89 -5.54 3.21 18.76
CA ASP C 89 -5.75 2.24 17.67
C ASP C 89 -6.77 2.76 16.65
N GLN C 90 -7.85 3.34 17.15
CA GLN C 90 -8.88 3.91 16.27
C GLN C 90 -8.29 4.95 15.33
N MET C 91 -7.42 5.80 15.87
CA MET C 91 -6.76 6.84 15.09
C MET C 91 -5.88 6.22 14.00
N LYS C 92 -5.09 5.21 14.37
CA LYS C 92 -4.21 4.54 13.41
C LYS C 92 -5.00 3.92 12.26
N LEU C 93 -6.11 3.25 12.57
CA LEU C 93 -6.91 2.61 11.53
C LEU C 93 -7.56 3.64 10.61
N LEU C 94 -8.14 4.70 11.18
CA LEU C 94 -8.77 5.73 10.35
C LEU C 94 -7.76 6.53 9.52
N GLN C 95 -6.59 6.79 10.07
CA GLN C 95 -5.54 7.48 9.33
C GLN C 95 -5.07 6.64 8.14
N ASN C 96 -5.08 5.32 8.31
CA ASN C 96 -4.70 4.41 7.25
C ASN C 96 -5.70 4.35 6.08
N CYS C 97 -7.00 4.45 6.36
CA CYS C 97 -8.02 4.09 5.36
C CYS C 97 -9.05 5.16 4.99
N TRP C 98 -8.93 6.38 5.55
CA TRP C 98 -10.00 7.39 5.38
C TRP C 98 -10.36 7.68 3.92
N SER C 99 -9.35 7.80 3.07
CA SER C 99 -9.60 8.14 1.67
C SER C 99 -10.22 6.98 0.90
N GLU C 100 -9.90 5.76 1.31
CA GLU C 100 -10.52 4.56 0.74
C GLU C 100 -12.00 4.48 1.13
N LEU C 101 -12.31 4.81 2.38
CA LEU C 101 -13.71 4.84 2.82
C LEU C 101 -14.50 5.90 2.04
N LEU C 102 -13.89 7.05 1.79
CA LEU C 102 -14.56 8.12 1.01
C LEU C 102 -14.86 7.62 -0.40
N ILE C 103 -13.88 6.97 -1.01
CA ILE C 103 -14.02 6.51 -2.39
C ILE C 103 -14.98 5.32 -2.48
N LEU C 104 -14.86 4.36 -1.57
CA LEU C 104 -15.81 3.25 -1.52
C LEU C 104 -17.24 3.76 -1.35
N ASP C 105 -17.42 4.67 -0.39
CA ASP C 105 -18.73 5.30 -0.15
C ASP C 105 -19.28 5.94 -1.43
N HIS C 106 -18.42 6.68 -2.12
CA HIS C 106 -18.82 7.34 -3.37
C HIS C 106 -19.21 6.35 -4.47
N ILE C 107 -18.37 5.34 -4.67
CA ILE C 107 -18.61 4.32 -5.70
C ILE C 107 -19.94 3.61 -5.46
N TYR C 108 -20.20 3.25 -4.21
CA TYR C 108 -21.45 2.57 -3.87
C TYR C 108 -22.67 3.46 -4.15
N ARG C 109 -22.56 4.74 -3.79
CA ARG C 109 -23.64 5.69 -4.05
C ARG C 109 -23.95 5.79 -5.56
N GLN C 110 -22.91 5.71 -6.39
CA GLN C 110 -23.10 5.73 -7.85
C GLN C 110 -23.77 4.44 -8.32
N VAL C 111 -23.36 3.31 -7.76
CA VAL C 111 -23.96 2.02 -8.12
C VAL C 111 -25.46 1.98 -7.80
N VAL C 112 -25.84 2.54 -6.66
CA VAL C 112 -27.25 2.60 -6.27
C VAL C 112 -28.03 3.70 -7.00
N HIS C 113 -27.58 4.95 -6.86
CA HIS C 113 -28.35 6.13 -7.27
C HIS C 113 -27.88 6.83 -8.56
N GLY C 114 -26.76 6.39 -9.13
CA GLY C 114 -26.15 7.11 -10.25
C GLY C 114 -26.83 6.92 -11.60
N LYS C 115 -26.85 7.99 -12.39
CA LYS C 115 -27.39 7.97 -13.75
C LYS C 115 -26.26 8.26 -14.73
N GLU C 116 -26.46 7.88 -15.98
CA GLU C 116 -25.45 8.06 -17.03
C GLU C 116 -25.11 9.53 -17.22
N GLY C 117 -23.82 9.84 -17.15
CA GLY C 117 -23.33 11.20 -17.40
C GLY C 117 -23.36 12.14 -16.20
N SER C 118 -23.72 11.60 -15.03
CA SER C 118 -23.83 12.43 -13.83
C SER C 118 -23.29 11.75 -12.59
N ILE C 119 -22.93 12.59 -11.62
CA ILE C 119 -22.39 12.15 -10.35
C ILE C 119 -23.40 12.49 -9.25
N PHE C 120 -23.70 11.52 -8.41
CA PHE C 120 -24.61 11.68 -7.28
C PHE C 120 -23.80 11.96 -6.01
N LEU C 121 -24.09 13.08 -5.36
CA LEU C 121 -23.35 13.50 -4.17
C LEU C 121 -24.08 13.07 -2.90
N VAL C 122 -23.34 13.05 -1.79
CA VAL C 122 -23.89 12.66 -0.49
C VAL C 122 -25.13 13.49 -0.09
N THR C 123 -25.21 14.73 -0.57
CA THR C 123 -26.37 15.60 -0.32
C THR C 123 -27.62 15.25 -1.13
N GLY C 124 -27.49 14.36 -2.11
CA GLY C 124 -28.57 14.08 -3.06
C GLY C 124 -28.50 14.91 -4.32
N GLN C 125 -27.61 15.91 -4.33
CA GLN C 125 -27.41 16.74 -5.50
C GLN C 125 -26.77 15.92 -6.61
N GLN C 126 -27.23 16.13 -7.83
CA GLN C 126 -26.63 15.49 -9.00
C GLN C 126 -25.87 16.53 -9.80
N VAL C 127 -24.64 16.20 -10.18
CA VAL C 127 -23.79 17.09 -10.95
C VAL C 127 -23.40 16.41 -12.25
N ASP C 128 -23.41 17.16 -13.35
CA ASP C 128 -23.00 16.60 -14.64
C ASP C 128 -21.50 16.34 -14.63
N TYR C 129 -21.11 15.18 -15.17
CA TYR C 129 -19.71 14.81 -15.24
C TYR C 129 -18.87 15.83 -16.00
N SER C 130 -19.40 16.37 -17.09
CA SER C 130 -18.68 17.34 -17.91
C SER C 130 -18.34 18.60 -17.10
N ILE C 131 -19.21 18.96 -16.17
CA ILE C 131 -19.00 20.16 -15.34
C ILE C 131 -17.81 19.96 -14.38
N ILE C 132 -17.71 18.80 -13.76
CA ILE C 132 -16.58 18.49 -12.85
CA ILE C 132 -16.57 18.55 -12.86
C ILE C 132 -15.30 18.32 -13.67
N ALA C 133 -15.40 17.55 -14.75
CA ALA C 133 -14.26 17.23 -15.63
C ALA C 133 -13.63 18.45 -16.30
N SER C 134 -14.45 19.42 -16.69
CA SER C 134 -13.96 20.61 -17.38
C SER C 134 -13.15 21.53 -16.46
N GLN C 135 -13.37 21.42 -15.17
CA GLN C 135 -12.65 22.21 -14.17
C GLN C 135 -11.33 21.60 -13.72
N ALA C 136 -11.14 20.32 -14.03
CA ALA C 136 -9.97 19.58 -13.59
C ALA C 136 -8.95 19.48 -14.71
N GLY C 137 -7.67 19.49 -14.35
CA GLY C 137 -6.62 19.14 -15.30
C GLY C 137 -6.61 17.65 -15.58
N ALA C 138 -5.54 17.19 -16.21
CA ALA C 138 -5.41 15.79 -16.60
C ALA C 138 -5.44 14.84 -15.40
N THR C 139 -4.79 15.23 -14.31
CA THR C 139 -4.65 14.34 -13.14
C THR C 139 -5.98 14.02 -12.50
N LEU C 140 -6.78 15.04 -12.20
CA LEU C 140 -8.06 14.76 -11.53
C LEU C 140 -8.99 14.01 -12.47
N ASN C 141 -9.03 14.38 -13.74
CA ASN C 141 -9.80 13.62 -14.73
C ASN C 141 -9.42 12.15 -14.81
N ASN C 142 -8.12 11.89 -14.71
CA ASN C 142 -7.62 10.52 -14.73
C ASN C 142 -8.13 9.74 -13.52
N LEU C 143 -8.01 10.35 -12.34
CA LEU C 143 -8.45 9.71 -11.10
C LEU C 143 -9.96 9.49 -11.13
N MET C 144 -10.70 10.48 -11.60
CA MET C 144 -12.16 10.36 -11.71
C MET C 144 -12.57 9.26 -12.69
N SER C 145 -11.84 9.11 -13.79
CA SER C 145 -12.11 8.04 -14.76
C SER C 145 -11.86 6.67 -14.16
N HIS C 146 -10.82 6.54 -13.33
CA HIS C 146 -10.57 5.27 -12.61
C HIS C 146 -11.75 4.95 -11.69
N ALA C 147 -12.25 5.97 -10.99
CA ALA C 147 -13.38 5.82 -10.08
C ALA C 147 -14.62 5.33 -10.81
N GLN C 148 -14.92 5.93 -11.96
CA GLN C 148 -16.14 5.53 -12.65
C GLN C 148 -16.00 4.14 -13.31
N GLU C 149 -14.77 3.71 -13.60
CA GLU C 149 -14.54 2.32 -14.04
C GLU C 149 -14.80 1.31 -12.92
N LEU C 150 -14.44 1.70 -11.69
CA LEU C 150 -14.79 0.92 -10.51
C LEU C 150 -16.30 0.82 -10.37
N VAL C 151 -17.00 1.94 -10.57
CA VAL C 151 -18.47 1.94 -10.52
C VAL C 151 -19.04 0.98 -11.56
N ALA C 152 -18.55 1.06 -12.79
CA ALA C 152 -19.02 0.19 -13.87
C ALA C 152 -18.86 -1.29 -13.54
N LYS C 153 -17.67 -1.66 -13.06
CA LYS C 153 -17.38 -3.05 -12.66
C LYS C 153 -18.31 -3.54 -11.55
N LEU C 154 -18.49 -2.71 -10.52
CA LEU C 154 -19.33 -3.07 -9.38
C LEU C 154 -20.81 -3.18 -9.75
N ARG C 155 -21.30 -2.28 -10.61
CA ARG C 155 -22.65 -2.41 -11.18
C ARG C 155 -22.83 -3.76 -11.86
N SER C 156 -21.87 -4.10 -12.70
CA SER C 156 -21.87 -5.34 -13.46
C SER C 156 -21.90 -6.58 -12.56
N LEU C 157 -21.23 -6.50 -11.41
CA LEU C 157 -21.21 -7.59 -10.43
C LEU C 157 -22.45 -7.65 -9.55
N GLN C 158 -23.33 -6.65 -9.65
CA GLN C 158 -24.53 -6.55 -8.81
C GLN C 158 -24.15 -6.38 -7.34
N PHE C 159 -23.26 -5.41 -7.10
CA PHE C 159 -22.79 -5.00 -5.78
C PHE C 159 -23.97 -4.51 -4.96
N ASP C 160 -24.19 -5.11 -3.80
CA ASP C 160 -25.33 -4.77 -2.94
C ASP C 160 -24.91 -4.27 -1.56
N GLN C 161 -25.89 -3.85 -0.76
CA GLN C 161 -25.60 -3.20 0.52
C GLN C 161 -24.88 -4.12 1.51
N ARG C 162 -25.23 -5.41 1.49
CA ARG C 162 -24.59 -6.39 2.38
C ARG C 162 -23.09 -6.49 2.08
N GLU C 163 -22.76 -6.57 0.79
CA GLU C 163 -21.37 -6.62 0.34
C GLU C 163 -20.65 -5.31 0.64
N PHE C 164 -21.37 -4.20 0.45
CA PHE C 164 -20.84 -2.87 0.74
C PHE C 164 -20.37 -2.72 2.19
N VAL C 165 -21.24 -3.07 3.15
CA VAL C 165 -20.87 -2.94 4.56
CA VAL C 165 -20.87 -2.92 4.56
C VAL C 165 -19.71 -3.86 4.91
N CYS C 166 -19.68 -5.04 4.29
CA CYS C 166 -18.55 -5.96 4.47
C CYS C 166 -17.26 -5.29 4.02
N LEU C 167 -17.25 -4.73 2.80
CA LEU C 167 -16.04 -4.08 2.28
C LEU C 167 -15.61 -2.89 3.14
N LYS C 168 -16.57 -2.12 3.66
CA LYS C 168 -16.24 -1.02 4.57
C LYS C 168 -15.44 -1.53 5.75
N PHE C 169 -15.90 -2.64 6.33
CA PHE C 169 -15.21 -3.22 7.48
C PHE C 169 -13.84 -3.80 7.13
N LEU C 170 -13.72 -4.41 5.95
CA LEU C 170 -12.43 -4.95 5.49
C LEU C 170 -11.41 -3.83 5.24
N VAL C 171 -11.89 -2.70 4.73
CA VAL C 171 -11.05 -1.51 4.51
C VAL C 171 -10.61 -0.92 5.85
N LEU C 172 -11.55 -0.80 6.78
CA LEU C 172 -11.26 -0.19 8.09
C LEU C 172 -10.32 -1.04 8.92
N PHE C 173 -10.57 -2.35 8.95
CA PHE C 173 -9.78 -3.27 9.78
C PHE C 173 -8.61 -3.89 9.01
N SER C 174 -7.69 -3.03 8.61
CA SER C 174 -6.54 -3.40 7.80
C SER C 174 -5.51 -4.21 8.57
N LEU C 175 -4.99 -5.26 7.93
CA LEU C 175 -3.89 -6.07 8.46
C LEU C 175 -2.51 -5.43 8.27
N ASP C 176 -2.45 -4.31 7.55
CA ASP C 176 -1.19 -3.65 7.23
C ASP C 176 -0.86 -2.47 8.14
N VAL C 177 -1.62 -2.30 9.22
CA VAL C 177 -1.39 -1.17 10.12
C VAL C 177 -0.52 -1.64 11.27
N LYS C 178 0.60 -0.94 11.47
CA LYS C 178 1.60 -1.27 12.47
C LYS C 178 1.33 -0.61 13.83
N ASN C 179 1.91 -1.22 14.87
CA ASN C 179 1.90 -0.69 16.23
C ASN C 179 0.51 -0.57 16.86
N LEU C 180 -0.40 -1.46 16.47
CA LEU C 180 -1.70 -1.52 17.13
C LEU C 180 -1.56 -2.20 18.47
N GLU C 181 -2.25 -1.67 19.48
CA GLU C 181 -2.30 -2.32 20.78
C GLU C 181 -3.11 -3.61 20.71
N ASN C 182 -4.26 -3.57 20.04
CA ASN C 182 -5.10 -4.76 19.93
C ASN C 182 -5.17 -5.28 18.50
N PHE C 183 -4.02 -5.74 18.00
CA PHE C 183 -3.97 -6.38 16.69
C PHE C 183 -4.82 -7.65 16.65
N GLN C 184 -4.94 -8.34 17.78
CA GLN C 184 -5.72 -9.56 17.84
C GLN C 184 -7.17 -9.35 17.42
N LEU C 185 -7.79 -8.28 17.91
CA LEU C 185 -9.16 -7.97 17.55
C LEU C 185 -9.24 -7.63 16.07
N VAL C 186 -8.32 -6.79 15.61
CA VAL C 186 -8.33 -6.35 14.22
C VAL C 186 -8.20 -7.54 13.27
N GLU C 187 -7.25 -8.43 13.57
CA GLU C 187 -7.09 -9.64 12.76
C GLU C 187 -8.36 -10.49 12.79
N GLY C 188 -9.00 -10.58 13.96
CA GLY C 188 -10.24 -11.34 14.13
C GLY C 188 -11.39 -10.82 13.30
N VAL C 189 -11.58 -9.51 13.30
CA VAL C 189 -12.65 -8.91 12.51
C VAL C 189 -12.42 -9.15 11.02
N GLN C 190 -11.18 -8.94 10.55
CA GLN C 190 -10.85 -9.16 9.14
C GLN C 190 -11.15 -10.61 8.74
N GLU C 191 -10.75 -11.56 9.58
CA GLU C 191 -11.04 -12.97 9.33
C GLU C 191 -12.53 -13.29 9.27
N GLN C 192 -13.28 -12.77 10.24
CA GLN C 192 -14.72 -13.08 10.35
C GLN C 192 -15.56 -12.44 9.25
N VAL C 193 -15.26 -11.19 8.91
CA VAL C 193 -15.98 -10.49 7.85
C VAL C 193 -15.68 -11.11 6.48
N ASN C 194 -14.43 -11.49 6.24
CA ASN C 194 -14.08 -12.24 5.03
C ASN C 194 -14.93 -13.50 4.87
N ALA C 195 -15.01 -14.28 5.95
CA ALA C 195 -15.77 -15.52 5.95
C ALA C 195 -17.26 -15.28 5.72
N ALA C 196 -17.80 -14.25 6.35
CA ALA C 196 -19.22 -13.91 6.23
C ALA C 196 -19.55 -13.42 4.81
N LEU C 197 -18.65 -12.65 4.21
CA LEU C 197 -18.85 -12.16 2.85
C LEU C 197 -18.86 -13.32 1.85
N LEU C 198 -17.87 -14.21 1.98
CA LEU C 198 -17.79 -15.40 1.13
C LEU C 198 -19.07 -16.22 1.20
N ASP C 199 -19.54 -16.45 2.43
CA ASP C 199 -20.77 -17.19 2.66
C ASP C 199 -21.97 -16.48 1.99
N TYR C 200 -22.05 -15.17 2.19
CA TYR C 200 -23.16 -14.37 1.66
C TYR C 200 -23.22 -14.42 0.13
N THR C 201 -22.06 -14.26 -0.53
CA THR C 201 -22.02 -14.19 -2.00
C THR C 201 -22.35 -15.53 -2.66
N MET C 202 -21.87 -16.62 -2.09
CA MET C 202 -22.16 -17.98 -2.58
C MET C 202 -23.64 -18.30 -2.45
N CYS C 203 -24.24 -17.82 -1.37
CA CYS C 203 -25.64 -18.09 -1.05
C CYS C 203 -26.59 -17.30 -1.93
N ASN C 204 -26.39 -15.99 -2.03
CA ASN C 204 -27.35 -15.09 -2.70
C ASN C 204 -27.03 -14.77 -4.17
N TYR C 205 -25.85 -15.18 -4.64
CA TYR C 205 -25.46 -14.97 -6.03
C TYR C 205 -24.70 -16.20 -6.54
N PRO C 206 -25.34 -17.39 -6.44
CA PRO C 206 -24.66 -18.64 -6.81
C PRO C 206 -24.29 -18.75 -8.29
N GLN C 207 -24.92 -17.94 -9.15
CA GLN C 207 -24.61 -17.95 -10.58
C GLN C 207 -23.26 -17.29 -10.88
N GLN C 208 -22.83 -16.38 -10.01
CA GLN C 208 -21.52 -15.75 -10.10
C GLN C 208 -20.55 -16.45 -9.15
N THR C 209 -19.91 -17.50 -9.65
CA THR C 209 -19.05 -18.35 -8.81
C THR C 209 -17.80 -17.65 -8.28
N GLU C 210 -17.36 -16.61 -8.99
CA GLU C 210 -16.14 -15.88 -8.61
C GLU C 210 -16.41 -14.51 -8.00
N LYS C 211 -17.66 -14.23 -7.61
CA LYS C 211 -18.02 -12.89 -7.11
C LYS C 211 -17.19 -12.46 -5.91
N PHE C 212 -17.04 -13.35 -4.93
CA PHE C 212 -16.25 -13.03 -3.74
C PHE C 212 -14.89 -12.44 -4.12
N GLY C 213 -14.16 -13.17 -4.97
CA GLY C 213 -12.87 -12.72 -5.46
C GLY C 213 -12.92 -11.43 -6.26
N GLN C 214 -13.94 -11.30 -7.12
CA GLN C 214 -14.11 -10.07 -7.90
C GLN C 214 -14.37 -8.85 -7.01
N LEU C 215 -15.08 -9.04 -5.90
CA LEU C 215 -15.30 -7.96 -4.93
C LEU C 215 -14.01 -7.57 -4.24
N LEU C 216 -13.25 -8.58 -3.78
CA LEU C 216 -12.01 -8.31 -3.04
C LEU C 216 -10.95 -7.67 -3.91
N LEU C 217 -10.94 -7.98 -5.21
CA LEU C 217 -9.98 -7.38 -6.14
C LEU C 217 -10.13 -5.86 -6.23
N ARG C 218 -11.30 -5.36 -5.87
CA ARG C 218 -11.57 -3.93 -5.95
C ARG C 218 -10.83 -3.18 -4.82
N LEU C 219 -10.51 -3.87 -3.72
CA LEU C 219 -9.88 -3.19 -2.57
C LEU C 219 -8.46 -2.63 -2.86
N PRO C 220 -7.55 -3.45 -3.42
CA PRO C 220 -6.26 -2.87 -3.81
C PRO C 220 -6.34 -1.79 -4.89
N GLU C 221 -7.34 -1.86 -5.77
CA GLU C 221 -7.55 -0.83 -6.77
C GLU C 221 -7.97 0.47 -6.08
N ILE C 222 -8.94 0.37 -5.17
CA ILE C 222 -9.38 1.54 -4.38
C ILE C 222 -8.21 2.14 -3.59
N ARG C 223 -7.40 1.29 -2.97
CA ARG C 223 -6.22 1.75 -2.23
C ARG C 223 -5.26 2.52 -3.14
N ALA C 224 -4.96 1.95 -4.31
CA ALA C 224 -3.98 2.57 -5.22
C ALA C 224 -4.47 3.93 -5.72
N ILE C 225 -5.74 3.98 -6.11
CA ILE C 225 -6.37 5.22 -6.55
C ILE C 225 -6.40 6.25 -5.40
N SER C 226 -6.74 5.79 -4.20
CA SER C 226 -6.86 6.67 -3.03
C SER C 226 -5.55 7.36 -2.70
N MET C 227 -4.44 6.65 -2.83
CA MET C 227 -3.14 7.22 -2.50
C MET C 227 -2.78 8.32 -3.48
N GLN C 228 -3.06 8.11 -4.77
CA GLN C 228 -2.83 9.15 -5.75
C GLN C 228 -3.78 10.34 -5.59
N ALA C 229 -5.01 10.09 -5.15
CA ALA C 229 -5.98 11.17 -4.86
C ALA C 229 -5.52 12.01 -3.67
N GLU C 230 -4.98 11.35 -2.64
CA GLU C 230 -4.43 12.09 -1.50
C GLU C 230 -3.27 13.00 -1.95
N GLU C 231 -2.39 12.46 -2.78
CA GLU C 231 -1.26 13.24 -3.27
C GLU C 231 -1.76 14.45 -4.06
N TYR C 232 -2.73 14.23 -4.93
CA TYR C 232 -3.28 15.30 -5.76
C TYR C 232 -3.96 16.38 -4.92
N LEU C 233 -4.77 15.98 -3.95
CA LEU C 233 -5.47 16.99 -3.12
C LEU C 233 -4.51 17.76 -2.25
N TYR C 234 -3.44 17.11 -1.81
CA TYR C 234 -2.40 17.81 -1.06
C TYR C 234 -1.73 18.87 -1.95
N TYR C 235 -1.42 18.49 -3.19
CA TYR C 235 -0.89 19.42 -4.19
C TYR C 235 -1.83 20.62 -4.38
N LYS C 236 -3.11 20.34 -4.60
CA LYS C 236 -4.10 21.40 -4.83
C LYS C 236 -4.26 22.31 -3.62
N HIS C 237 -4.09 21.74 -2.42
CA HIS C 237 -4.11 22.50 -1.18
C HIS C 237 -2.95 23.50 -1.10
N LEU C 238 -1.76 23.04 -1.46
CA LEU C 238 -0.58 23.91 -1.51
C LEU C 238 -0.71 24.99 -2.59
N ASN C 239 -1.43 24.69 -3.67
CA ASN C 239 -1.70 25.65 -4.73
C ASN C 239 -2.91 26.56 -4.47
N GLY C 240 -3.50 26.45 -3.28
CA GLY C 240 -4.57 27.36 -2.85
C GLY C 240 -5.94 27.05 -3.46
N ASP C 241 -6.12 25.84 -3.97
CA ASP C 241 -7.34 25.48 -4.69
C ASP C 241 -8.36 24.73 -3.83
N VAL C 242 -7.95 24.32 -2.64
CA VAL C 242 -8.84 23.58 -1.74
C VAL C 242 -9.44 24.58 -0.76
N PRO C 243 -10.77 24.72 -0.74
CA PRO C 243 -11.35 25.69 0.19
C PRO C 243 -10.96 25.40 1.65
N TYR C 244 -10.87 26.45 2.44
CA TYR C 244 -10.51 26.31 3.85
C TYR C 244 -11.44 25.32 4.54
N ASN C 245 -10.84 24.39 5.29
CA ASN C 245 -11.58 23.41 6.06
C ASN C 245 -10.74 22.99 7.25
N ASN C 246 -11.31 22.18 8.12
CA ASN C 246 -10.60 21.64 9.28
C ASN C 246 -10.17 20.18 9.12
N LEU C 247 -11.13 19.29 8.84
CA LEU C 247 -10.84 17.86 8.94
C LEU C 247 -10.11 17.26 7.73
N LEU C 248 -10.54 17.61 6.52
CA LEU C 248 -9.90 17.08 5.31
C LEU C 248 -8.41 17.38 5.30
N ILE C 249 -8.03 18.61 5.62
CA ILE C 249 -6.61 18.94 5.64
C ILE C 249 -5.82 18.16 6.71
N GLU C 250 -6.39 17.99 7.91
CA GLU C 250 -5.71 17.20 8.94
C GLU C 250 -5.53 15.74 8.47
N MET C 251 -6.55 15.18 7.84
CA MET C 251 -6.46 13.80 7.37
C MET C 251 -5.44 13.68 6.24
N LEU C 252 -5.36 14.66 5.35
CA LEU C 252 -4.35 14.67 4.29
C LEU C 252 -2.92 14.58 4.84
N HIS C 253 -2.68 15.17 6.02
CA HIS C 253 -1.37 15.09 6.65
C HIS C 253 -1.06 13.72 7.27
N ALA C 254 -2.08 12.90 7.50
CA ALA C 254 -1.93 11.66 8.29
C ALA C 254 -0.86 10.72 7.75
N LYS C 255 -0.89 10.44 6.44
CA LYS C 255 0.08 9.51 5.85
C LYS C 255 1.41 10.15 5.46
N ARG C 256 1.52 11.47 5.55
CA ARG C 256 2.70 12.19 5.06
C ARG C 256 3.86 12.18 6.06
N LYS D 1 -0.44 8.20 14.22
CA LYS D 1 0.15 9.57 14.24
C LYS D 1 -0.71 10.49 15.10
N GLU D 2 -0.08 11.40 15.83
CA GLU D 2 -0.82 12.30 16.70
C GLU D 2 -1.62 13.30 15.89
N ASN D 3 -2.87 13.52 16.29
CA ASN D 3 -3.70 14.56 15.70
C ASN D 3 -4.83 14.92 16.64
N ALA D 4 -4.77 16.14 17.14
CA ALA D 4 -5.69 16.59 18.19
C ALA D 4 -7.14 16.60 17.71
N LEU D 5 -7.38 16.92 16.44
CA LEU D 5 -8.75 16.98 15.95
C LEU D 5 -9.38 15.59 15.82
N LEU D 6 -8.68 14.66 15.19
CA LEU D 6 -9.20 13.31 15.01
C LEU D 6 -9.44 12.66 16.38
N ARG D 7 -8.49 12.85 17.29
CA ARG D 7 -8.62 12.35 18.65
C ARG D 7 -9.88 12.88 19.32
N TYR D 8 -10.08 14.20 19.27
CA TYR D 8 -11.27 14.82 19.83
C TYR D 8 -12.57 14.28 19.25
N LEU D 9 -12.61 14.11 17.93
CA LEU D 9 -13.81 13.60 17.27
C LEU D 9 -14.13 12.16 17.70
N LEU D 10 -13.10 11.38 17.96
CA LEU D 10 -13.28 10.01 18.45
C LEU D 10 -13.70 9.96 19.92
N ASP D 11 -13.27 10.95 20.70
CA ASP D 11 -13.51 11.00 22.14
C ASP D 11 -14.81 11.70 22.52
N LYS D 12 -15.27 12.65 21.71
CA LYS D 12 -16.27 13.64 22.19
C LYS D 12 -17.61 13.00 22.57
#